data_6BYN
#
_entry.id   6BYN
#
_cell.length_a   79.078
_cell.length_b   48.266
_cell.length_c   99.825
_cell.angle_alpha   90.0
_cell.angle_beta   107.741
_cell.angle_gamma   90.0
#
_symmetry.space_group_name_H-M   'C 1 2 1'
#
loop_
_entity.id
_entity.type
_entity.pdbx_description
1 polymer 'WD repeat-containing protein 5'
2 polymer 'WDR5-binding Monobody, Mb(S4)'
3 water water
#
loop_
_entity_poly.entity_id
_entity_poly.type
_entity_poly.pdbx_seq_one_letter_code
_entity_poly.pdbx_strand_id
1 'polypeptide(L)'
;GTVKPNYALKFTLAGHTKAVSSVKFSPNGEWLASSSADKLIKIWGAYDGKFEKTISGHKLGISDVAWSSDSNLLVSASDD
KTLKIWDVSSGKCLKTLKGHSNYVFCCNFNPQSNLIVSGSFDESVRIWDVKTGKCLKTLPAHSDPVSAVHFNRDGSLIVS
SSYDGLCRIWDTASGQCLKTLIDDDNPPVSFVKFSPNGKYILAATLDNTLKLWDYSKGKCLKTYTGHKNEKYCIFANFSV
TGGKWIVSGSEDNLVYIWNLQTKEIVQKLQGHTDVVISTACHPTENIIASAALENDKTIKLWKSDC
;
W
2 'polypeptide(L)'
;GSVSSVPTKLEVVAATPTSLLISWDAPAVTVVHYVITYGETGGNSPVQKFKVPGSKSTATISGLKPGVDYTITVYAYQGG
GRWHPYGYYSPISINYRT
;
M
#
# COMPACT_ATOMS: atom_id res chain seq x y z
N THR A 2 -26.02 -17.09 -10.54
CA THR A 2 -26.11 -18.52 -10.82
C THR A 2 -24.96 -19.28 -10.18
N VAL A 3 -23.84 -19.37 -10.89
CA VAL A 3 -22.67 -20.09 -10.42
C VAL A 3 -21.93 -19.31 -9.34
N LYS A 4 -21.85 -19.89 -8.14
CA LYS A 4 -21.16 -19.27 -7.02
C LYS A 4 -20.09 -20.22 -6.48
N PRO A 5 -19.04 -19.66 -5.85
CA PRO A 5 -18.01 -20.51 -5.23
C PRO A 5 -18.44 -20.97 -3.85
N ASN A 6 -17.76 -21.98 -3.31
CA ASN A 6 -18.07 -22.50 -1.99
C ASN A 6 -16.81 -22.65 -1.13
N TYR A 7 -16.06 -21.57 -0.98
CA TYR A 7 -14.84 -21.59 -0.21
C TYR A 7 -15.11 -21.93 1.25
N ALA A 8 -14.25 -22.77 1.82
CA ALA A 8 -14.43 -23.27 3.17
C ALA A 8 -13.12 -23.25 3.96
N LEU A 9 -13.21 -22.86 5.23
CA LEU A 9 -12.03 -22.82 6.09
C LEU A 9 -11.46 -24.22 6.30
N LYS A 10 -10.18 -24.39 5.98
CA LYS A 10 -9.52 -25.68 6.15
C LYS A 10 -8.43 -25.60 7.20
N PHE A 11 -7.75 -24.46 7.29
CA PHE A 11 -6.66 -24.30 8.25
C PHE A 11 -6.57 -22.87 8.79
N THR A 12 -6.10 -22.76 10.02
CA THR A 12 -5.78 -21.45 10.61
C THR A 12 -4.31 -21.44 11.01
N LEU A 13 -3.55 -20.51 10.44
CA LEU A 13 -2.10 -20.48 10.61
C LEU A 13 -1.69 -19.51 11.70
N ALA A 14 -1.44 -20.03 12.90
CA ALA A 14 -1.05 -19.22 14.04
C ALA A 14 0.43 -19.38 14.37
N GLY A 15 1.04 -18.31 14.87
CA GLY A 15 2.45 -18.34 15.21
C GLY A 15 3.07 -16.95 15.18
N HIS A 16 2.43 -16.03 14.46
CA HIS A 16 2.92 -14.66 14.40
C HIS A 16 2.61 -13.92 15.69
N THR A 17 3.56 -13.08 16.10
CA THR A 17 3.49 -12.39 17.38
C THR A 17 2.60 -11.15 17.34
N LYS A 18 2.66 -10.41 16.23
CA LYS A 18 1.83 -9.22 16.08
C LYS A 18 0.94 -9.32 14.84
N ALA A 19 0.53 -8.17 14.32
CA ALA A 19 -0.34 -8.12 13.15
C ALA A 19 0.35 -8.67 11.91
N VAL A 20 -0.38 -9.44 11.11
CA VAL A 20 0.14 -9.92 9.84
C VAL A 20 -0.14 -8.89 8.75
N SER A 21 0.83 -8.64 7.88
CA SER A 21 0.71 -7.57 6.90
C SER A 21 0.43 -8.07 5.49
N SER A 22 1.09 -9.14 5.09
CA SER A 22 0.96 -9.64 3.73
C SER A 22 1.20 -11.15 3.62
N VAL A 23 0.38 -11.81 2.80
CA VAL A 23 0.57 -13.22 2.51
C VAL A 23 0.63 -13.46 1.00
N LYS A 24 1.61 -14.26 0.56
CA LYS A 24 1.80 -14.53 -0.85
C LYS A 24 2.08 -16.01 -1.11
N PHE A 25 1.44 -16.57 -2.13
CA PHE A 25 1.72 -17.94 -2.56
C PHE A 25 2.96 -17.98 -3.44
N SER A 26 3.74 -19.05 -3.30
CA SER A 26 4.87 -19.28 -4.19
C SER A 26 4.35 -19.76 -5.54
N PRO A 27 5.00 -19.33 -6.64
CA PRO A 27 4.63 -19.70 -8.01
C PRO A 27 4.40 -21.20 -8.21
N ASN A 28 5.21 -22.04 -7.57
CA ASN A 28 5.05 -23.48 -7.69
C ASN A 28 3.89 -23.99 -6.86
N GLY A 29 3.25 -23.10 -6.12
CA GLY A 29 2.06 -23.43 -5.36
C GLY A 29 2.30 -24.32 -4.15
N GLU A 30 3.57 -24.51 -3.80
CA GLU A 30 3.91 -25.40 -2.70
C GLU A 30 3.97 -24.68 -1.36
N TRP A 31 4.37 -23.41 -1.38
CA TRP A 31 4.58 -22.67 -0.14
C TRP A 31 3.77 -21.39 -0.05
N LEU A 32 3.70 -20.84 1.15
CA LEU A 32 3.01 -19.58 1.40
C LEU A 32 3.84 -18.72 2.35
N ALA A 33 4.26 -17.54 1.88
CA ALA A 33 5.04 -16.64 2.70
C ALA A 33 4.13 -15.65 3.43
N SER A 34 4.63 -15.11 4.54
CA SER A 34 3.84 -14.16 5.32
C SER A 34 4.72 -13.15 6.07
N SER A 35 4.40 -11.88 5.91
CA SER A 35 5.12 -10.82 6.60
C SER A 35 4.26 -10.24 7.72
N SER A 36 4.89 -9.80 8.80
CA SER A 36 4.15 -9.30 9.95
C SER A 36 4.83 -8.10 10.61
N ALA A 37 4.15 -7.52 11.60
CA ALA A 37 4.68 -6.39 12.34
C ALA A 37 5.64 -6.85 13.43
N ASP A 38 5.79 -8.17 13.58
CA ASP A 38 6.71 -8.73 14.55
C ASP A 38 8.10 -8.90 13.95
N LYS A 39 8.37 -8.16 12.88
CA LYS A 39 9.68 -8.13 12.22
C LYS A 39 10.07 -9.47 11.61
N LEU A 40 9.13 -10.41 11.55
CA LEU A 40 9.43 -11.75 11.07
C LEU A 40 8.76 -12.09 9.75
N ILE A 41 9.33 -13.07 9.06
CA ILE A 41 8.70 -13.69 7.90
C ILE A 41 8.51 -15.17 8.22
N LYS A 42 7.38 -15.74 7.83
CA LYS A 42 7.12 -17.14 8.13
C LYS A 42 6.68 -17.92 6.89
N ILE A 43 7.23 -19.12 6.74
CA ILE A 43 6.92 -19.96 5.59
C ILE A 43 6.00 -21.10 6.00
N TRP A 44 4.97 -21.35 5.19
CA TRP A 44 3.97 -22.36 5.51
C TRP A 44 3.71 -23.26 4.31
N GLY A 45 3.17 -24.45 4.58
CA GLY A 45 2.73 -25.33 3.50
C GLY A 45 1.43 -24.82 2.94
N ALA A 46 1.34 -24.73 1.62
CA ALA A 46 0.17 -24.17 0.97
C ALA A 46 -1.03 -25.10 1.02
N TYR A 47 -0.78 -26.38 1.28
CA TYR A 47 -1.83 -27.39 1.18
C TYR A 47 -2.35 -27.86 2.54
N ASP A 48 -1.46 -27.91 3.54
CA ASP A 48 -1.87 -28.34 4.87
C ASP A 48 -1.65 -27.26 5.93
N GLY A 49 -0.97 -26.19 5.56
CA GLY A 49 -0.82 -25.03 6.44
C GLY A 49 0.09 -25.23 7.64
N LYS A 50 0.86 -26.30 7.66
CA LYS A 50 1.77 -26.57 8.77
C LYS A 50 3.02 -25.70 8.66
N PHE A 51 3.44 -25.14 9.78
CA PHE A 51 4.61 -24.26 9.85
C PHE A 51 5.86 -24.93 9.30
N GLU A 52 6.74 -24.12 8.69
CA GLU A 52 7.95 -24.65 8.07
C GLU A 52 9.21 -23.94 8.56
N LYS A 53 9.22 -22.62 8.50
CA LYS A 53 10.43 -21.86 8.78
C LYS A 53 10.14 -20.42 9.22
N THR A 54 10.86 -19.98 10.24
CA THR A 54 10.85 -18.57 10.64
C THR A 54 12.10 -17.89 10.12
N ILE A 55 11.92 -16.85 9.31
CA ILE A 55 13.03 -16.15 8.71
C ILE A 55 13.04 -14.69 9.16
N SER A 56 14.18 -14.25 9.69
CA SER A 56 14.28 -12.93 10.31
C SER A 56 15.51 -12.14 9.87
N GLY A 57 15.58 -10.88 10.27
CA GLY A 57 16.69 -10.02 9.94
C GLY A 57 16.35 -8.54 10.06
N HIS A 58 15.14 -8.18 9.67
CA HIS A 58 14.68 -6.80 9.72
C HIS A 58 14.59 -6.29 11.15
N LYS A 59 14.88 -5.00 11.34
CA LYS A 59 14.90 -4.40 12.67
C LYS A 59 13.55 -3.79 13.03
N LEU A 60 12.69 -3.60 12.03
CA LEU A 60 11.33 -3.12 12.26
C LEU A 60 10.34 -3.99 11.49
N GLY A 61 9.06 -3.67 11.62
CA GLY A 61 8.00 -4.46 11.00
C GLY A 61 8.07 -4.51 9.49
N ILE A 62 7.40 -5.50 8.90
CA ILE A 62 7.39 -5.71 7.47
C ILE A 62 5.98 -5.58 6.90
N SER A 63 5.83 -4.84 5.81
CA SER A 63 4.51 -4.57 5.25
C SER A 63 4.17 -5.44 4.04
N ASP A 64 5.19 -5.95 3.35
CA ASP A 64 4.95 -6.71 2.13
C ASP A 64 6.07 -7.71 1.85
N VAL A 65 5.70 -8.81 1.20
CA VAL A 65 6.67 -9.84 0.82
C VAL A 65 6.31 -10.38 -0.56
N ALA A 66 7.32 -10.76 -1.34
CA ALA A 66 7.08 -11.22 -2.71
C ALA A 66 8.01 -12.37 -3.12
N TRP A 67 7.48 -13.30 -3.91
CA TRP A 67 8.24 -14.45 -4.38
C TRP A 67 8.95 -14.19 -5.71
N SER A 68 10.04 -14.90 -5.94
CA SER A 68 10.68 -14.92 -7.25
C SER A 68 9.98 -15.96 -8.11
N SER A 69 10.22 -15.93 -9.42
CA SER A 69 9.51 -16.80 -10.35
C SER A 69 9.78 -18.28 -10.14
N ASP A 70 10.97 -18.62 -9.62
CA ASP A 70 11.34 -20.00 -9.41
C ASP A 70 11.02 -20.50 -8.00
N SER A 71 10.36 -19.63 -7.22
CA SER A 71 10.00 -19.93 -5.83
C SER A 71 11.20 -20.24 -4.96
N ASN A 72 12.33 -19.62 -5.27
CA ASN A 72 13.57 -19.86 -4.52
C ASN A 72 14.01 -18.65 -3.72
N LEU A 73 13.49 -17.47 -4.06
CA LEU A 73 13.87 -16.24 -3.38
C LEU A 73 12.67 -15.50 -2.82
N LEU A 74 12.95 -14.57 -1.90
CA LEU A 74 11.92 -13.71 -1.33
C LEU A 74 12.48 -12.29 -1.16
N VAL A 75 11.59 -11.32 -1.23
CA VAL A 75 11.96 -9.92 -0.96
C VAL A 75 10.96 -9.34 0.04
N SER A 76 11.45 -8.50 0.94
CA SER A 76 10.60 -7.95 1.99
C SER A 76 10.74 -6.44 2.12
N ALA A 77 9.61 -5.76 2.27
CA ALA A 77 9.59 -4.31 2.45
C ALA A 77 9.32 -3.95 3.91
N SER A 78 10.29 -3.33 4.56
CA SER A 78 10.20 -3.08 5.99
C SER A 78 10.21 -1.60 6.36
N ASP A 79 9.94 -1.32 7.63
CA ASP A 79 9.94 0.05 8.15
C ASP A 79 11.33 0.53 8.51
N ASP A 80 12.33 -0.33 8.34
CA ASP A 80 13.71 0.04 8.60
C ASP A 80 14.34 0.67 7.35
N LYS A 81 13.49 1.17 6.47
CA LYS A 81 13.91 1.88 5.25
C LYS A 81 14.67 1.00 4.26
N THR A 82 14.69 -0.31 4.50
CA THR A 82 15.43 -1.22 3.63
C THR A 82 14.56 -2.35 3.08
N LEU A 83 15.03 -2.95 1.99
CA LEU A 83 14.49 -4.20 1.50
C LEU A 83 15.56 -5.28 1.65
N LYS A 84 15.13 -6.53 1.79
CA LYS A 84 16.08 -7.62 1.93
C LYS A 84 15.68 -8.82 1.07
N ILE A 85 16.63 -9.31 0.30
CA ILE A 85 16.43 -10.50 -0.50
C ILE A 85 16.81 -11.74 0.31
N TRP A 86 15.92 -12.72 0.35
CA TRP A 86 16.16 -13.93 1.12
C TRP A 86 16.24 -15.17 0.24
N ASP A 87 17.11 -16.10 0.61
CA ASP A 87 17.09 -17.43 0.03
C ASP A 87 16.18 -18.30 0.87
N VAL A 88 15.04 -18.69 0.30
CA VAL A 88 14.01 -19.44 1.02
C VAL A 88 14.57 -20.73 1.64
N SER A 89 15.42 -21.42 0.89
CA SER A 89 16.00 -22.68 1.34
C SER A 89 16.85 -22.50 2.60
N SER A 90 17.70 -21.46 2.61
CA SER A 90 18.58 -21.21 3.73
C SER A 90 17.95 -20.27 4.76
N GLY A 91 17.06 -19.40 4.28
CA GLY A 91 16.47 -18.39 5.15
C GLY A 91 17.52 -17.42 5.62
N LYS A 92 18.34 -16.94 4.68
CA LYS A 92 19.43 -16.05 5.01
C LYS A 92 19.45 -14.81 4.11
N CYS A 93 19.86 -13.68 4.67
CA CYS A 93 19.89 -12.42 3.94
C CYS A 93 20.98 -12.39 2.89
N LEU A 94 20.58 -12.54 1.63
CA LEU A 94 21.52 -12.43 0.51
C LEU A 94 22.00 -11.00 0.39
N LYS A 95 21.09 -10.10 -0.02
CA LYS A 95 21.42 -8.69 -0.15
C LYS A 95 20.40 -7.81 0.57
N THR A 96 20.87 -6.69 1.08
CA THR A 96 19.97 -5.71 1.72
C THR A 96 19.93 -4.43 0.90
N LEU A 97 18.74 -4.06 0.44
CA LEU A 97 18.57 -2.92 -0.44
C LEU A 97 18.36 -1.62 0.33
N LYS A 98 19.35 -0.74 0.29
CA LYS A 98 19.26 0.54 0.98
C LYS A 98 19.13 1.71 -0.01
N GLY A 99 18.38 2.73 0.38
CA GLY A 99 18.26 3.93 -0.44
C GLY A 99 16.95 4.67 -0.35
N HIS A 100 15.94 4.06 0.28
CA HIS A 100 14.59 4.61 0.28
C HIS A 100 14.39 5.77 1.26
N SER A 101 15.22 5.84 2.30
CA SER A 101 15.21 6.94 3.28
C SER A 101 13.93 7.02 4.12
N ASN A 102 12.95 6.17 3.84
CA ASN A 102 11.74 6.11 4.64
C ASN A 102 11.09 4.73 4.56
N TYR A 103 9.97 4.55 5.24
CA TYR A 103 9.27 3.27 5.30
C TYR A 103 9.05 2.65 3.91
N VAL A 104 9.58 1.45 3.70
CA VAL A 104 9.31 0.72 2.47
C VAL A 104 8.03 -0.07 2.63
N PHE A 105 7.04 0.23 1.79
CA PHE A 105 5.69 -0.27 1.97
C PHE A 105 5.37 -1.51 1.13
N CYS A 106 5.88 -1.55 -0.10
CA CYS A 106 5.54 -2.61 -1.04
C CYS A 106 6.72 -3.04 -1.90
N CYS A 107 6.63 -4.23 -2.47
CA CYS A 107 7.70 -4.79 -3.29
C CYS A 107 7.21 -5.91 -4.21
N ASN A 108 7.95 -6.15 -5.29
CA ASN A 108 7.61 -7.20 -6.23
C ASN A 108 8.77 -7.59 -7.16
N PHE A 109 8.78 -8.85 -7.58
CA PHE A 109 9.72 -9.31 -8.60
C PHE A 109 9.12 -9.12 -9.98
N ASN A 110 9.97 -8.93 -10.98
CA ASN A 110 9.52 -9.02 -12.36
C ASN A 110 9.50 -10.49 -12.77
N PRO A 111 8.70 -10.85 -13.77
CA PRO A 111 8.58 -12.26 -14.18
C PRO A 111 9.91 -12.93 -14.52
N GLN A 112 10.92 -12.14 -14.86
CA GLN A 112 12.26 -12.66 -15.11
C GLN A 112 13.03 -12.82 -13.80
N SER A 113 12.55 -12.13 -12.77
CA SER A 113 13.13 -12.18 -11.41
C SER A 113 14.58 -11.71 -11.37
N ASN A 114 14.94 -10.81 -12.27
CA ASN A 114 16.26 -10.17 -12.23
C ASN A 114 16.12 -8.73 -11.74
N LEU A 115 14.87 -8.27 -11.64
CA LEU A 115 14.59 -6.92 -11.14
C LEU A 115 13.62 -6.95 -9.97
N ILE A 116 13.70 -5.94 -9.12
CA ILE A 116 12.78 -5.78 -8.00
C ILE A 116 12.26 -4.35 -7.91
N VAL A 117 10.94 -4.19 -7.96
CA VAL A 117 10.33 -2.87 -7.83
C VAL A 117 9.91 -2.65 -6.37
N SER A 118 10.05 -1.41 -5.89
CA SER A 118 9.69 -1.09 -4.52
C SER A 118 9.03 0.27 -4.41
N GLY A 119 8.07 0.39 -3.50
CA GLY A 119 7.40 1.64 -3.23
C GLY A 119 7.54 2.00 -1.76
N SER A 120 7.69 3.28 -1.46
CA SER A 120 7.97 3.71 -0.10
C SER A 120 7.24 4.99 0.30
N PHE A 121 7.37 5.34 1.58
CA PHE A 121 6.79 6.56 2.11
C PHE A 121 7.55 7.80 1.63
N ASP A 122 8.66 7.58 0.95
CA ASP A 122 9.46 8.67 0.40
C ASP A 122 8.91 9.11 -0.96
N GLU A 123 7.71 8.62 -1.28
CA GLU A 123 6.99 9.00 -2.50
C GLU A 123 7.75 8.61 -3.77
N SER A 124 8.57 7.58 -3.69
CA SER A 124 9.36 7.17 -4.84
C SER A 124 9.20 5.69 -5.17
N VAL A 125 9.40 5.36 -6.44
CA VAL A 125 9.47 3.97 -6.88
C VAL A 125 10.89 3.66 -7.33
N ARG A 126 11.48 2.62 -6.76
CA ARG A 126 12.85 2.26 -7.11
C ARG A 126 12.92 0.89 -7.78
N ILE A 127 13.78 0.81 -8.80
CA ILE A 127 14.00 -0.44 -9.50
C ILE A 127 15.35 -1.02 -9.11
N TRP A 128 15.33 -2.19 -8.48
CA TRP A 128 16.55 -2.78 -7.95
C TRP A 128 17.05 -3.93 -8.80
N ASP A 129 18.36 -4.15 -8.75
CA ASP A 129 19.02 -5.23 -9.48
C ASP A 129 19.26 -6.40 -8.52
N VAL A 130 18.67 -7.55 -8.82
CA VAL A 130 18.66 -8.67 -7.88
C VAL A 130 20.05 -9.21 -7.53
N LYS A 131 20.87 -9.49 -8.54
CA LYS A 131 22.16 -10.13 -8.31
C LYS A 131 23.16 -9.20 -7.59
N THR A 132 23.09 -7.91 -7.87
CA THR A 132 24.04 -6.96 -7.30
C THR A 132 23.46 -6.17 -6.13
N GLY A 133 22.14 -6.08 -6.05
CA GLY A 133 21.49 -5.31 -5.00
C GLY A 133 21.51 -3.83 -5.27
N LYS A 134 22.01 -3.46 -6.44
CA LYS A 134 22.15 -2.05 -6.82
C LYS A 134 20.82 -1.46 -7.27
N CYS A 135 20.56 -0.22 -6.86
CA CYS A 135 19.39 0.51 -7.32
C CYS A 135 19.67 1.06 -8.73
N LEU A 136 18.97 0.52 -9.72
CA LEU A 136 19.20 0.90 -11.10
C LEU A 136 18.52 2.21 -11.47
N LYS A 137 17.31 2.42 -10.96
CA LYS A 137 16.57 3.64 -11.21
C LYS A 137 15.74 4.07 -10.00
N THR A 138 15.55 5.38 -9.86
CA THR A 138 14.65 5.92 -8.85
C THR A 138 13.60 6.80 -9.51
N LEU A 139 12.37 6.29 -9.57
CA LEU A 139 11.28 7.01 -10.19
C LEU A 139 10.61 7.95 -9.19
N PRO A 140 10.57 9.26 -9.52
CA PRO A 140 9.88 10.26 -8.70
C PRO A 140 8.38 10.16 -8.90
N ALA A 141 7.84 8.96 -8.72
CA ALA A 141 6.50 8.60 -9.16
C ALA A 141 5.38 9.47 -8.61
N HIS A 142 5.41 9.73 -7.31
CA HIS A 142 4.27 10.35 -6.65
C HIS A 142 4.64 11.45 -5.66
N SER A 143 3.63 12.14 -5.13
CA SER A 143 3.83 13.18 -4.15
C SER A 143 3.15 12.80 -2.83
N ASP A 144 3.08 11.50 -2.57
CA ASP A 144 2.50 10.95 -1.35
C ASP A 144 3.01 9.51 -1.21
N PRO A 145 2.86 8.90 -0.02
CA PRO A 145 3.29 7.51 0.17
C PRO A 145 2.79 6.56 -0.91
N VAL A 146 3.69 5.71 -1.40
CA VAL A 146 3.35 4.76 -2.45
C VAL A 146 2.78 3.47 -1.86
N SER A 147 1.59 3.09 -2.32
CA SER A 147 0.85 1.99 -1.70
C SER A 147 1.10 0.64 -2.37
N ALA A 148 1.31 0.63 -3.68
CA ALA A 148 1.47 -0.62 -4.41
C ALA A 148 2.33 -0.50 -5.65
N VAL A 149 3.09 -1.56 -5.95
CA VAL A 149 3.89 -1.64 -7.17
C VAL A 149 3.79 -3.04 -7.76
N HIS A 150 3.74 -3.14 -9.08
CA HIS A 150 3.53 -4.42 -9.75
C HIS A 150 3.96 -4.41 -11.21
N PHE A 151 4.65 -5.47 -11.62
CA PHE A 151 5.04 -5.64 -13.02
C PHE A 151 3.92 -6.28 -13.83
N ASN A 152 4.07 -6.26 -15.15
CA ASN A 152 3.13 -6.98 -16.02
C ASN A 152 3.72 -8.32 -16.42
N ARG A 153 3.00 -9.07 -17.26
CA ARG A 153 3.36 -10.44 -17.59
C ARG A 153 4.76 -10.61 -18.19
N ASP A 154 5.19 -9.64 -19.00
CA ASP A 154 6.51 -9.71 -19.60
C ASP A 154 7.51 -8.82 -18.85
N GLY A 155 7.02 -8.14 -17.82
CA GLY A 155 7.87 -7.30 -16.99
C GLY A 155 8.30 -6.02 -17.68
N SER A 156 7.61 -5.66 -18.75
CA SER A 156 7.97 -4.46 -19.51
C SER A 156 7.32 -3.21 -18.93
N LEU A 157 6.37 -3.40 -18.03
CA LEU A 157 5.64 -2.28 -17.43
C LEU A 157 5.55 -2.38 -15.91
N ILE A 158 5.56 -1.21 -15.26
CA ILE A 158 5.32 -1.12 -13.83
C ILE A 158 4.07 -0.29 -13.58
N VAL A 159 3.23 -0.73 -12.65
CA VAL A 159 2.09 0.07 -12.23
C VAL A 159 2.27 0.48 -10.77
N SER A 160 1.93 1.72 -10.43
CA SER A 160 2.10 2.22 -9.07
C SER A 160 0.87 2.99 -8.60
N SER A 161 0.67 3.00 -7.29
CA SER A 161 -0.43 3.72 -6.68
C SER A 161 0.03 4.48 -5.44
N SER A 162 -0.66 5.58 -5.13
CA SER A 162 -0.28 6.40 -3.98
C SER A 162 -1.47 7.13 -3.38
N TYR A 163 -1.26 7.67 -2.19
CA TYR A 163 -2.31 8.42 -1.48
C TYR A 163 -2.62 9.74 -2.17
N ASP A 164 -1.82 10.11 -3.17
CA ASP A 164 -2.09 11.31 -3.96
C ASP A 164 -3.27 11.07 -4.91
N GLY A 165 -3.75 9.83 -4.93
CA GLY A 165 -4.91 9.47 -5.72
C GLY A 165 -4.56 9.18 -7.18
N LEU A 166 -3.33 8.74 -7.41
CA LEU A 166 -2.86 8.52 -8.76
C LEU A 166 -2.47 7.08 -9.06
N CYS A 167 -2.74 6.66 -10.29
N CYS A 167 -2.72 6.66 -10.30
CA CYS A 167 -2.26 5.39 -10.80
CA CYS A 167 -2.24 5.37 -10.78
C CYS A 167 -1.37 5.66 -12.01
C CYS A 167 -1.40 5.58 -12.02
N ARG A 168 -0.11 5.26 -11.92
CA ARG A 168 0.82 5.52 -13.01
C ARG A 168 1.44 4.25 -13.57
N ILE A 169 1.42 4.13 -14.90
CA ILE A 169 2.06 3.03 -15.59
C ILE A 169 3.43 3.47 -16.09
N TRP A 170 4.45 2.69 -15.78
CA TRP A 170 5.82 3.06 -16.11
C TRP A 170 6.47 2.08 -17.07
N ASP A 171 7.24 2.62 -18.02
CA ASP A 171 8.07 1.81 -18.88
C ASP A 171 9.31 1.36 -18.11
N THR A 172 9.40 0.06 -17.86
CA THR A 172 10.48 -0.50 -17.05
C THR A 172 11.87 -0.14 -17.60
N ALA A 173 12.01 -0.20 -18.92
CA ALA A 173 13.29 0.02 -19.58
C ALA A 173 13.77 1.47 -19.42
N SER A 174 12.90 2.41 -19.75
CA SER A 174 13.29 3.83 -19.77
C SER A 174 13.01 4.54 -18.45
N GLY A 175 12.08 3.98 -17.67
CA GLY A 175 11.70 4.59 -16.40
C GLY A 175 10.73 5.74 -16.61
N GLN A 176 10.21 5.85 -17.83
CA GLN A 176 9.31 6.95 -18.17
C GLN A 176 7.86 6.60 -17.90
N CYS A 177 7.03 7.62 -17.72
CA CYS A 177 5.61 7.42 -17.42
C CYS A 177 4.77 7.41 -18.69
N LEU A 178 4.17 6.26 -18.98
CA LEU A 178 3.38 6.11 -20.19
C LEU A 178 1.98 6.69 -20.05
N LYS A 179 1.43 6.63 -18.84
CA LYS A 179 0.05 7.07 -18.61
C LYS A 179 -0.24 7.31 -17.13
N THR A 180 -1.12 8.26 -16.86
CA THR A 180 -1.58 8.53 -15.51
C THR A 180 -3.09 8.41 -15.40
N LEU A 181 -3.56 7.49 -14.56
CA LEU A 181 -4.99 7.31 -14.34
C LEU A 181 -5.48 8.20 -13.21
N ILE A 182 -6.32 9.17 -13.52
CA ILE A 182 -6.78 10.13 -12.53
C ILE A 182 -8.29 10.00 -12.25
N ASP A 183 -8.67 10.38 -11.04
CA ASP A 183 -10.08 10.55 -10.69
C ASP A 183 -10.29 11.99 -10.25
N ASP A 184 -11.36 12.61 -10.72
CA ASP A 184 -11.61 14.02 -10.43
C ASP A 184 -11.85 14.25 -8.94
N ASP A 185 -12.44 13.25 -8.28
CA ASP A 185 -12.63 13.30 -6.83
C ASP A 185 -11.29 13.09 -6.12
N ASN A 186 -10.39 12.38 -6.80
CA ASN A 186 -9.04 12.12 -6.30
C ASN A 186 -8.96 11.47 -4.91
N PRO A 187 -9.64 10.33 -4.71
CA PRO A 187 -9.43 9.63 -3.43
C PRO A 187 -8.14 8.82 -3.46
N PRO A 188 -7.56 8.54 -2.30
CA PRO A 188 -6.30 7.78 -2.22
C PRO A 188 -6.41 6.38 -2.82
N VAL A 189 -5.48 6.04 -3.70
CA VAL A 189 -5.43 4.69 -4.27
C VAL A 189 -4.55 3.80 -3.41
N SER A 190 -5.16 2.79 -2.80
CA SER A 190 -4.47 1.99 -1.80
C SER A 190 -3.85 0.70 -2.35
N PHE A 191 -4.22 0.33 -3.57
CA PHE A 191 -3.70 -0.90 -4.16
C PHE A 191 -3.95 -0.98 -5.66
N VAL A 192 -2.93 -1.38 -6.41
CA VAL A 192 -3.08 -1.62 -7.85
C VAL A 192 -2.39 -2.94 -8.24
N LYS A 193 -2.93 -3.58 -9.26
CA LYS A 193 -2.39 -4.85 -9.73
C LYS A 193 -2.80 -5.15 -11.16
N PHE A 194 -1.84 -5.56 -11.97
CA PHE A 194 -2.13 -6.00 -13.33
C PHE A 194 -2.91 -7.32 -13.31
N SER A 195 -3.78 -7.50 -14.30
CA SER A 195 -4.46 -8.77 -14.49
C SER A 195 -3.46 -9.79 -15.03
N PRO A 196 -3.74 -11.09 -14.85
CA PRO A 196 -2.87 -12.16 -15.35
C PRO A 196 -2.50 -12.01 -16.83
N ASN A 197 -3.44 -11.53 -17.66
CA ASN A 197 -3.16 -11.32 -19.07
C ASN A 197 -2.51 -9.97 -19.33
N GLY A 198 -2.34 -9.18 -18.28
CA GLY A 198 -1.63 -7.93 -18.36
C GLY A 198 -2.32 -6.86 -19.18
N LYS A 199 -3.60 -7.04 -19.47
CA LYS A 199 -4.36 -6.09 -20.26
C LYS A 199 -5.20 -5.19 -19.37
N TYR A 200 -5.45 -5.63 -18.15
CA TYR A 200 -6.29 -4.90 -17.23
C TYR A 200 -5.56 -4.54 -15.94
N ILE A 201 -6.10 -3.57 -15.20
CA ILE A 201 -5.53 -3.14 -13.94
C ILE A 201 -6.60 -3.03 -12.86
N LEU A 202 -6.43 -3.77 -11.77
CA LEU A 202 -7.35 -3.71 -10.64
C LEU A 202 -6.87 -2.68 -9.63
N ALA A 203 -7.67 -1.66 -9.39
CA ALA A 203 -7.28 -0.57 -8.48
C ALA A 203 -8.24 -0.44 -7.30
N ALA A 204 -7.67 -0.27 -6.11
CA ALA A 204 -8.46 -0.07 -4.90
C ALA A 204 -8.32 1.36 -4.39
N THR A 205 -9.45 2.02 -4.19
CA THR A 205 -9.45 3.36 -3.61
C THR A 205 -10.08 3.33 -2.22
N LEU A 206 -9.65 4.25 -1.37
CA LEU A 206 -10.11 4.29 0.02
C LEU A 206 -11.47 4.96 0.15
N ASP A 207 -12.39 4.61 -0.76
CA ASP A 207 -13.77 5.03 -0.67
C ASP A 207 -14.67 3.80 -0.77
N ASN A 208 -14.17 2.68 -0.23
CA ASN A 208 -14.86 1.41 -0.24
C ASN A 208 -15.19 0.95 -1.66
N THR A 209 -14.24 1.07 -2.56
CA THR A 209 -14.49 0.76 -3.97
C THR A 209 -13.32 0.05 -4.63
N LEU A 210 -13.64 -0.97 -5.43
CA LEU A 210 -12.67 -1.63 -6.30
C LEU A 210 -13.10 -1.46 -7.75
N LYS A 211 -12.15 -1.10 -8.61
CA LYS A 211 -12.47 -0.87 -10.01
C LYS A 211 -11.52 -1.61 -10.95
N LEU A 212 -12.09 -2.26 -11.95
CA LEU A 212 -11.31 -2.92 -12.98
C LEU A 212 -11.03 -1.94 -14.11
N TRP A 213 -9.75 -1.67 -14.33
N TRP A 213 -9.75 -1.64 -14.33
CA TRP A 213 -9.33 -0.72 -15.34
CA TRP A 213 -9.41 -0.65 -15.34
C TRP A 213 -8.75 -1.39 -16.57
C TRP A 213 -8.68 -1.26 -16.54
N ASP A 214 -9.11 -0.90 -17.74
CA ASP A 214 -8.39 -1.19 -18.96
C ASP A 214 -7.33 -0.10 -18.97
N TYR A 215 -6.11 -0.38 -19.43
CA TYR A 215 -5.10 0.66 -19.32
C TYR A 215 -4.56 1.07 -20.67
N SER A 216 -4.89 0.29 -21.70
CA SER A 216 -4.64 0.72 -23.07
C SER A 216 -5.48 1.95 -23.32
N LYS A 217 -6.76 1.87 -22.93
CA LYS A 217 -7.64 3.03 -22.86
C LYS A 217 -7.94 3.29 -21.39
N GLY A 218 -7.85 4.54 -20.96
CA GLY A 218 -8.08 4.87 -19.55
C GLY A 218 -9.54 4.84 -19.14
N LYS A 219 -10.19 3.69 -19.35
CA LYS A 219 -11.63 3.54 -19.15
C LYS A 219 -12.00 2.47 -18.10
N CYS A 220 -12.79 2.87 -17.10
CA CYS A 220 -13.28 1.94 -16.09
C CYS A 220 -14.32 0.98 -16.66
N LEU A 221 -14.07 -0.31 -16.49
CA LEU A 221 -14.97 -1.34 -16.99
C LEU A 221 -15.94 -1.82 -15.91
N LYS A 222 -15.39 -2.29 -14.80
CA LYS A 222 -16.20 -2.82 -13.72
C LYS A 222 -16.01 -2.04 -12.43
N THR A 223 -16.97 -2.15 -11.52
CA THR A 223 -16.91 -1.49 -10.23
C THR A 223 -17.47 -2.40 -9.15
N TYR A 224 -16.67 -2.66 -8.12
CA TYR A 224 -17.07 -3.59 -7.07
C TYR A 224 -17.17 -2.89 -5.71
N THR A 225 -18.33 -2.99 -5.08
CA THR A 225 -18.56 -2.40 -3.76
C THR A 225 -19.16 -3.40 -2.79
N GLY A 226 -19.60 -2.91 -1.64
CA GLY A 226 -20.21 -3.76 -0.63
C GLY A 226 -19.28 -3.98 0.55
N HIS A 227 -17.98 -3.94 0.29
CA HIS A 227 -16.98 -4.14 1.34
C HIS A 227 -16.63 -2.82 2.01
N LYS A 228 -15.78 -2.89 3.03
CA LYS A 228 -15.36 -1.70 3.75
C LYS A 228 -13.85 -1.48 3.61
N ASN A 229 -13.48 -0.33 3.05
CA ASN A 229 -12.08 0.02 2.87
C ASN A 229 -11.87 1.53 2.83
N GLU A 230 -11.47 2.11 3.95
CA GLU A 230 -11.31 3.56 4.05
C GLU A 230 -10.02 3.97 4.76
N LYS A 231 -9.33 3.03 5.38
CA LYS A 231 -8.17 3.37 6.20
C LYS A 231 -6.92 2.56 5.87
N TYR A 232 -7.10 1.29 5.54
CA TYR A 232 -5.96 0.39 5.33
C TYR A 232 -5.69 0.08 3.87
N CYS A 233 -4.44 -0.20 3.55
CA CYS A 233 -4.05 -0.62 2.21
C CYS A 233 -4.24 -2.13 2.07
N ILE A 234 -5.39 -2.53 1.52
CA ILE A 234 -5.75 -3.94 1.44
C ILE A 234 -5.45 -4.52 0.07
N PHE A 235 -4.86 -5.72 0.06
CA PHE A 235 -4.58 -6.44 -1.19
C PHE A 235 -5.86 -6.94 -1.85
N ALA A 236 -5.82 -7.03 -3.17
CA ALA A 236 -6.93 -7.60 -3.94
C ALA A 236 -6.36 -8.51 -5.02
N ASN A 237 -7.15 -9.47 -5.49
CA ASN A 237 -6.65 -10.46 -6.44
C ASN A 237 -7.63 -10.84 -7.53
N PHE A 238 -7.09 -11.32 -8.64
CA PHE A 238 -7.88 -11.99 -9.67
C PHE A 238 -7.90 -13.48 -9.39
N SER A 239 -9.10 -14.06 -9.30
CA SER A 239 -9.22 -15.50 -9.12
C SER A 239 -9.56 -16.14 -10.46
N VAL A 240 -8.59 -16.84 -11.04
CA VAL A 240 -8.74 -17.37 -12.39
C VAL A 240 -8.63 -18.89 -12.46
N THR A 241 -8.14 -19.49 -11.39
CA THR A 241 -7.88 -20.93 -11.35
C THR A 241 -9.14 -21.77 -11.48
N GLY A 242 -10.29 -21.16 -11.18
CA GLY A 242 -11.58 -21.81 -11.35
C GLY A 242 -12.55 -20.86 -12.02
N GLY A 243 -13.54 -20.40 -11.28
CA GLY A 243 -14.43 -19.35 -11.77
C GLY A 243 -13.68 -18.03 -11.74
N LYS A 244 -14.13 -17.07 -12.53
CA LYS A 244 -13.46 -15.78 -12.59
C LYS A 244 -13.99 -14.83 -11.53
N TRP A 245 -13.25 -14.69 -10.43
CA TRP A 245 -13.69 -13.86 -9.31
C TRP A 245 -12.74 -12.73 -8.99
N ILE A 246 -13.23 -11.77 -8.22
CA ILE A 246 -12.39 -10.74 -7.62
C ILE A 246 -12.36 -10.93 -6.11
N VAL A 247 -11.17 -11.20 -5.57
CA VAL A 247 -11.02 -11.47 -4.15
C VAL A 247 -10.31 -10.32 -3.45
N SER A 248 -10.84 -9.91 -2.29
CA SER A 248 -10.26 -8.82 -1.53
C SER A 248 -10.58 -8.92 -0.04
N GLY A 249 -9.65 -8.45 0.79
CA GLY A 249 -9.90 -8.35 2.22
C GLY A 249 -10.77 -7.13 2.49
N SER A 250 -11.20 -6.97 3.74
CA SER A 250 -12.09 -5.87 4.09
C SER A 250 -11.90 -5.45 5.53
N GLU A 251 -12.45 -4.29 5.88
CA GLU A 251 -12.26 -3.73 7.22
C GLU A 251 -13.37 -4.15 8.17
N ASP A 252 -14.28 -4.98 7.70
CA ASP A 252 -15.29 -5.58 8.58
C ASP A 252 -14.96 -7.06 8.79
N ASN A 253 -13.66 -7.35 8.75
CA ASN A 253 -13.13 -8.67 9.08
C ASN A 253 -13.61 -9.80 8.15
N LEU A 254 -14.06 -9.43 6.96
CA LEU A 254 -14.57 -10.41 6.01
C LEU A 254 -13.75 -10.46 4.73
N VAL A 255 -13.70 -11.63 4.10
CA VAL A 255 -13.11 -11.77 2.79
C VAL A 255 -14.19 -11.74 1.73
N TYR A 256 -14.23 -10.66 0.96
CA TYR A 256 -15.24 -10.49 -0.07
C TYR A 256 -14.82 -11.13 -1.40
N ILE A 257 -15.76 -11.79 -2.06
CA ILE A 257 -15.54 -12.36 -3.37
C ILE A 257 -16.61 -11.90 -4.34
N TRP A 258 -16.19 -11.32 -5.46
CA TRP A 258 -17.13 -10.81 -6.46
C TRP A 258 -17.13 -11.67 -7.71
N ASN A 259 -18.19 -11.53 -8.51
CA ASN A 259 -18.19 -12.04 -9.87
C ASN A 259 -17.60 -10.96 -10.77
N LEU A 260 -16.50 -11.28 -11.44
CA LEU A 260 -15.74 -10.28 -12.20
C LEU A 260 -16.59 -9.61 -13.28
N GLN A 261 -17.51 -10.36 -13.87
CA GLN A 261 -18.31 -9.84 -14.97
C GLN A 261 -19.55 -9.08 -14.48
N THR A 262 -20.35 -9.72 -13.62
CA THR A 262 -21.61 -9.14 -13.18
C THR A 262 -21.46 -8.24 -11.97
N LYS A 263 -20.23 -8.14 -11.45
CA LYS A 263 -19.90 -7.23 -10.35
C LYS A 263 -20.69 -7.53 -9.07
N GLU A 264 -21.24 -8.73 -8.96
CA GLU A 264 -22.06 -9.09 -7.80
C GLU A 264 -21.25 -9.85 -6.76
N ILE A 265 -21.56 -9.62 -5.49
CA ILE A 265 -20.93 -10.36 -4.40
C ILE A 265 -21.47 -11.78 -4.37
N VAL A 266 -20.57 -12.76 -4.42
CA VAL A 266 -20.98 -14.16 -4.50
C VAL A 266 -20.65 -14.95 -3.23
N GLN A 267 -19.76 -14.41 -2.40
CA GLN A 267 -19.42 -15.07 -1.14
C GLN A 267 -18.69 -14.12 -0.18
N LYS A 268 -18.98 -14.28 1.11
CA LYS A 268 -18.31 -13.50 2.15
C LYS A 268 -17.78 -14.42 3.25
N LEU A 269 -16.47 -14.61 3.28
CA LEU A 269 -15.84 -15.53 4.22
C LEU A 269 -15.72 -14.94 5.62
N GLN A 270 -16.40 -15.55 6.58
CA GLN A 270 -16.35 -15.10 7.96
C GLN A 270 -15.47 -16.02 8.82
N GLY A 271 -14.74 -15.43 9.75
CA GLY A 271 -13.87 -16.20 10.61
C GLY A 271 -12.77 -15.36 11.27
N HIS A 272 -12.32 -14.34 10.56
CA HIS A 272 -11.27 -13.47 11.08
C HIS A 272 -11.77 -12.54 12.17
N THR A 273 -10.90 -12.22 13.12
CA THR A 273 -11.26 -11.41 14.28
C THR A 273 -10.99 -9.93 14.01
N ASP A 274 -10.04 -9.65 13.14
CA ASP A 274 -9.69 -8.27 12.82
C ASP A 274 -9.77 -8.02 11.31
N VAL A 275 -9.41 -6.81 10.90
CA VAL A 275 -9.42 -6.42 9.50
C VAL A 275 -8.55 -7.32 8.65
N VAL A 276 -9.15 -7.92 7.61
CA VAL A 276 -8.39 -8.74 6.67
C VAL A 276 -7.59 -7.84 5.74
N ILE A 277 -6.28 -7.77 5.98
CA ILE A 277 -5.42 -6.83 5.27
C ILE A 277 -4.89 -7.40 3.96
N SER A 278 -4.78 -8.72 3.88
CA SER A 278 -4.18 -9.36 2.72
C SER A 278 -4.93 -10.59 2.26
N THR A 279 -5.02 -10.75 0.94
CA THR A 279 -5.59 -11.95 0.33
C THR A 279 -4.65 -12.46 -0.76
N ALA A 280 -4.64 -13.76 -0.97
CA ALA A 280 -3.80 -14.37 -2.00
C ALA A 280 -4.49 -15.58 -2.61
N CYS A 281 -4.30 -15.75 -3.92
CA CYS A 281 -4.91 -16.86 -4.64
C CYS A 281 -3.85 -17.86 -5.10
N HIS A 282 -4.13 -19.14 -4.91
CA HIS A 282 -3.23 -20.21 -5.33
C HIS A 282 -3.17 -20.28 -6.85
N PRO A 283 -1.96 -20.48 -7.40
CA PRO A 283 -1.75 -20.47 -8.86
C PRO A 283 -2.45 -21.58 -9.63
N THR A 284 -2.67 -22.74 -9.00
CA THR A 284 -3.25 -23.87 -9.70
C THR A 284 -4.51 -24.43 -9.04
N GLU A 285 -4.67 -24.16 -7.75
CA GLU A 285 -5.81 -24.67 -7.00
C GLU A 285 -6.74 -23.56 -6.54
N ASN A 286 -8.01 -23.90 -6.34
CA ASN A 286 -8.99 -22.94 -5.82
C ASN A 286 -8.77 -22.70 -4.33
N ILE A 287 -7.64 -22.11 -3.98
CA ILE A 287 -7.30 -21.89 -2.59
C ILE A 287 -7.02 -20.41 -2.30
N ILE A 288 -7.66 -19.90 -1.25
CA ILE A 288 -7.48 -18.52 -0.83
C ILE A 288 -6.78 -18.43 0.52
N ALA A 289 -5.76 -17.59 0.60
CA ALA A 289 -5.06 -17.34 1.86
C ALA A 289 -5.33 -15.92 2.34
N SER A 290 -5.83 -15.79 3.56
CA SER A 290 -6.16 -14.48 4.12
C SER A 290 -5.52 -14.26 5.48
N ALA A 291 -5.08 -13.02 5.73
CA ALA A 291 -4.46 -12.66 6.99
C ALA A 291 -5.11 -11.40 7.58
N ALA A 292 -4.95 -11.21 8.89
CA ALA A 292 -5.60 -10.09 9.55
C ALA A 292 -4.67 -9.34 10.51
N LEU A 293 -5.17 -8.24 11.07
CA LEU A 293 -4.35 -7.33 11.87
C LEU A 293 -4.22 -7.75 13.34
N GLU A 294 -3.86 -6.81 14.20
CA GLU A 294 -3.42 -7.08 15.56
C GLU A 294 -4.35 -7.98 16.37
N ASN A 295 -5.66 -7.72 16.29
CA ASN A 295 -6.62 -8.52 17.04
C ASN A 295 -6.87 -9.90 16.43
N ASP A 296 -6.11 -10.21 15.37
CA ASP A 296 -6.19 -11.49 14.70
C ASP A 296 -4.84 -11.80 14.06
N LYS A 297 -3.92 -12.34 14.85
CA LYS A 297 -2.56 -12.55 14.40
C LYS A 297 -2.38 -13.85 13.62
N THR A 298 -3.42 -14.26 12.91
CA THR A 298 -3.43 -15.55 12.23
C THR A 298 -3.69 -15.45 10.73
N ILE A 299 -3.38 -16.54 10.02
CA ILE A 299 -3.62 -16.66 8.60
C ILE A 299 -4.59 -17.82 8.35
N LYS A 300 -5.47 -17.67 7.37
CA LYS A 300 -6.45 -18.72 7.10
C LYS A 300 -6.43 -19.20 5.66
N LEU A 301 -6.53 -20.52 5.49
CA LEU A 301 -6.59 -21.14 4.17
C LEU A 301 -8.00 -21.58 3.85
N TRP A 302 -8.47 -21.25 2.65
CA TRP A 302 -9.82 -21.59 2.23
C TRP A 302 -9.78 -22.33 0.89
N LYS A 303 -10.54 -23.41 0.77
CA LYS A 303 -10.59 -24.16 -0.48
C LYS A 303 -12.01 -24.30 -1.01
N SER A 304 -12.16 -24.20 -2.32
CA SER A 304 -13.46 -24.30 -2.96
C SER A 304 -13.45 -25.32 -4.10
N ASP A 305 -14.64 -25.81 -4.45
CA ASP A 305 -14.77 -26.73 -5.57
C ASP A 305 -15.02 -25.96 -6.87
N CYS A 306 -15.31 -24.68 -6.73
CA CYS A 306 -15.61 -23.83 -7.88
C CYS A 306 -14.66 -22.63 -7.93
N VAL B 3 -10.16 21.83 21.58
CA VAL B 3 -10.11 20.37 21.47
C VAL B 3 -8.68 19.89 21.21
N SER B 4 -8.46 18.59 21.37
CA SER B 4 -7.14 18.01 21.15
C SER B 4 -6.71 18.13 19.69
N SER B 5 -5.44 18.43 19.47
CA SER B 5 -4.92 18.59 18.13
C SER B 5 -3.42 18.37 18.07
N VAL B 6 -2.93 17.91 16.92
CA VAL B 6 -1.49 17.80 16.68
C VAL B 6 -1.16 18.50 15.37
N PRO B 7 -0.25 19.49 15.42
CA PRO B 7 0.45 19.93 16.63
C PRO B 7 -0.37 20.92 17.47
N THR B 8 0.27 21.48 18.50
CA THR B 8 -0.40 22.44 19.36
C THR B 8 0.30 23.81 19.30
N LYS B 9 -0.43 24.85 19.73
CA LYS B 9 0.09 26.21 19.79
C LYS B 9 0.66 26.69 18.46
N LEU B 10 -0.14 26.62 17.41
CA LEU B 10 0.23 27.17 16.11
C LEU B 10 0.15 28.69 16.16
N GLU B 11 1.19 29.37 15.71
CA GLU B 11 1.25 30.82 15.81
C GLU B 11 2.03 31.47 14.67
N VAL B 12 1.96 32.79 14.59
CA VAL B 12 2.73 33.56 13.63
C VAL B 12 3.90 34.24 14.32
N VAL B 13 5.12 33.79 14.02
CA VAL B 13 6.33 34.33 14.62
C VAL B 13 6.64 35.71 14.08
N ALA B 14 6.70 35.81 12.76
CA ALA B 14 6.94 37.08 12.08
C ALA B 14 6.14 37.14 10.80
N ALA B 15 6.11 38.30 10.16
CA ALA B 15 5.31 38.47 8.96
C ALA B 15 5.77 39.62 8.07
N THR B 16 5.44 39.52 6.78
CA THR B 16 5.62 40.59 5.83
C THR B 16 4.27 40.83 5.16
N PRO B 17 4.13 41.93 4.40
CA PRO B 17 2.86 42.12 3.69
C PRO B 17 2.49 40.96 2.75
N THR B 18 3.47 40.17 2.32
CA THR B 18 3.22 39.11 1.34
C THR B 18 3.73 37.74 1.78
N SER B 19 4.07 37.59 3.05
CA SER B 19 4.54 36.30 3.56
C SER B 19 4.33 36.15 5.06
N LEU B 20 4.37 34.90 5.52
CA LEU B 20 4.15 34.60 6.94
C LEU B 20 5.17 33.60 7.47
N LEU B 21 5.65 33.84 8.68
CA LEU B 21 6.54 32.90 9.37
C LEU B 21 5.76 32.22 10.49
N ILE B 22 5.46 30.94 10.30
CA ILE B 22 4.67 30.21 11.29
C ILE B 22 5.51 29.17 12.02
N SER B 23 5.10 28.84 13.25
CA SER B 23 5.77 27.81 14.03
C SER B 23 4.78 27.14 14.98
N TRP B 24 5.13 25.94 15.43
CA TRP B 24 4.27 25.18 16.32
C TRP B 24 5.10 24.31 17.26
N ASP B 25 4.44 23.69 18.23
CA ASP B 25 5.12 22.78 19.13
C ASP B 25 5.31 21.42 18.48
N ALA B 26 6.56 20.96 18.42
CA ALA B 26 6.85 19.61 17.94
C ALA B 26 6.42 18.60 19.00
N PRO B 27 5.42 17.78 18.67
CA PRO B 27 4.83 16.82 19.62
C PRO B 27 5.85 15.80 20.13
N ALA B 28 5.59 15.22 21.30
CA ALA B 28 6.43 14.17 21.84
C ALA B 28 6.47 13.00 20.87
N VAL B 29 5.30 12.64 20.36
CA VAL B 29 5.20 11.69 19.27
C VAL B 29 5.81 12.31 18.02
N THR B 30 6.48 11.50 17.21
CA THR B 30 7.16 12.04 16.03
C THR B 30 6.29 11.93 14.78
N VAL B 31 6.28 13.00 13.99
CA VAL B 31 5.46 13.09 12.79
C VAL B 31 6.27 12.66 11.56
N VAL B 32 5.65 11.91 10.66
CA VAL B 32 6.34 11.50 9.44
C VAL B 32 6.53 12.70 8.52
N HIS B 33 5.52 13.57 8.45
CA HIS B 33 5.59 14.80 7.68
C HIS B 33 4.36 15.67 7.93
N TYR B 34 4.53 16.98 7.82
CA TYR B 34 3.42 17.91 8.00
C TYR B 34 2.86 18.35 6.65
N VAL B 35 1.56 18.63 6.61
CA VAL B 35 0.94 19.23 5.44
C VAL B 35 0.30 20.55 5.84
N ILE B 36 0.79 21.64 5.24
CA ILE B 36 0.31 22.97 5.59
C ILE B 36 -0.57 23.55 4.49
N THR B 37 -1.86 23.68 4.79
CA THR B 37 -2.81 24.25 3.85
C THR B 37 -3.15 25.69 4.22
N TYR B 38 -3.27 26.54 3.21
CA TYR B 38 -3.59 27.94 3.45
C TYR B 38 -4.41 28.53 2.31
N GLY B 39 -5.40 29.33 2.66
CA GLY B 39 -6.23 30.00 1.68
C GLY B 39 -6.88 31.23 2.29
N GLU B 40 -7.68 31.93 1.50
CA GLU B 40 -8.39 33.09 2.00
C GLU B 40 -9.51 32.65 2.95
N THR B 41 -9.60 33.33 4.10
CA THR B 41 -10.57 32.98 5.13
C THR B 41 -12.01 33.12 4.64
N GLY B 42 -12.73 32.00 4.63
CA GLY B 42 -14.11 31.98 4.16
C GLY B 42 -14.22 32.11 2.66
N GLY B 43 -13.08 32.22 1.98
CA GLY B 43 -13.04 32.41 0.55
C GLY B 43 -13.49 31.18 -0.22
N ASN B 44 -14.09 31.41 -1.39
CA ASN B 44 -14.54 30.33 -2.26
C ASN B 44 -13.36 29.72 -3.02
N SER B 45 -12.31 30.52 -3.18
CA SER B 45 -11.10 30.08 -3.87
C SER B 45 -10.48 28.87 -3.18
N PRO B 46 -9.97 27.91 -3.99
CA PRO B 46 -9.36 26.69 -3.47
C PRO B 46 -8.13 26.97 -2.59
N VAL B 47 -7.64 25.93 -1.92
CA VAL B 47 -6.58 26.09 -0.94
C VAL B 47 -5.25 25.53 -1.44
N GLN B 48 -4.19 26.31 -1.30
CA GLN B 48 -2.84 25.85 -1.63
C GLN B 48 -2.25 25.07 -0.47
N LYS B 49 -1.38 24.11 -0.77
CA LYS B 49 -0.80 23.26 0.25
C LYS B 49 0.60 22.77 -0.13
N PHE B 50 1.43 22.56 0.89
CA PHE B 50 2.76 22.01 0.69
C PHE B 50 3.16 21.14 1.88
N LYS B 51 4.24 20.39 1.73
CA LYS B 51 4.65 19.46 2.78
C LYS B 51 5.84 19.96 3.59
N VAL B 52 5.89 19.54 4.84
CA VAL B 52 6.97 19.91 5.76
C VAL B 52 7.40 18.66 6.54
N PRO B 53 8.71 18.38 6.55
CA PRO B 53 9.24 17.22 7.28
C PRO B 53 8.85 17.24 8.75
N GLY B 54 8.62 16.06 9.33
CA GLY B 54 8.24 15.96 10.72
C GLY B 54 9.38 16.29 11.67
N SER B 55 10.53 16.60 11.10
CA SER B 55 11.71 16.96 11.89
C SER B 55 11.74 18.44 12.22
N LYS B 56 11.16 19.27 11.35
CA LYS B 56 11.14 20.71 11.58
C LYS B 56 9.74 21.18 11.96
N SER B 57 9.67 22.20 12.83
CA SER B 57 8.42 22.69 13.34
C SER B 57 8.17 24.16 12.99
N THR B 58 8.82 24.62 11.92
CA THR B 58 8.62 25.98 11.43
C THR B 58 8.41 25.96 9.91
N ALA B 59 7.91 27.06 9.37
CA ALA B 59 7.68 27.17 7.93
C ALA B 59 7.47 28.63 7.51
N THR B 60 7.64 28.87 6.22
CA THR B 60 7.41 30.21 5.65
C THR B 60 6.45 30.12 4.48
N ILE B 61 5.35 30.85 4.56
CA ILE B 61 4.36 30.87 3.50
C ILE B 61 4.44 32.15 2.68
N SER B 62 4.97 32.04 1.48
CA SER B 62 5.16 33.20 0.61
C SER B 62 4.02 33.34 -0.40
N GLY B 63 4.12 34.36 -1.25
CA GLY B 63 3.18 34.55 -2.34
C GLY B 63 1.76 34.90 -1.92
N LEU B 64 1.63 35.52 -0.75
CA LEU B 64 0.32 35.92 -0.25
C LEU B 64 -0.03 37.33 -0.69
N LYS B 65 -1.31 37.69 -0.56
CA LYS B 65 -1.76 39.04 -0.88
C LYS B 65 -1.90 39.88 0.38
N PRO B 66 -1.49 41.15 0.31
CA PRO B 66 -1.54 42.06 1.47
C PRO B 66 -2.96 42.49 1.84
N GLY B 67 -3.24 42.53 3.13
CA GLY B 67 -4.48 43.09 3.64
C GLY B 67 -5.67 42.14 3.71
N VAL B 68 -5.47 40.89 3.32
CA VAL B 68 -6.56 39.92 3.29
C VAL B 68 -6.39 38.86 4.39
N ASP B 69 -7.51 38.45 4.97
CA ASP B 69 -7.51 37.41 5.99
C ASP B 69 -7.15 36.05 5.40
N TYR B 70 -6.21 35.36 6.06
CA TYR B 70 -5.80 34.03 5.62
C TYR B 70 -6.03 32.98 6.69
N THR B 71 -6.41 31.78 6.27
CA THR B 71 -6.59 30.66 7.19
C THR B 71 -5.49 29.64 7.03
N ILE B 72 -4.65 29.50 8.05
CA ILE B 72 -3.55 28.55 8.03
C ILE B 72 -3.92 27.28 8.79
N THR B 73 -3.71 26.13 8.16
CA THR B 73 -4.02 24.84 8.78
C THR B 73 -2.86 23.88 8.64
N VAL B 74 -2.46 23.27 9.75
CA VAL B 74 -1.36 22.32 9.76
C VAL B 74 -1.84 20.91 10.11
N TYR B 75 -1.64 19.98 9.19
CA TYR B 75 -1.98 18.58 9.42
C TYR B 75 -0.75 17.78 9.82
N ALA B 76 -0.86 16.99 10.88
CA ALA B 76 0.25 16.17 11.33
C ALA B 76 -0.02 14.69 11.06
N TYR B 77 0.53 14.20 9.95
CA TYR B 77 0.35 12.80 9.56
C TYR B 77 1.27 11.88 10.36
N GLN B 78 0.74 10.73 10.76
CA GLN B 78 1.58 9.70 11.38
C GLN B 78 1.65 8.50 10.45
N GLY B 79 2.88 8.11 10.10
CA GLY B 79 3.10 7.03 9.16
C GLY B 79 3.66 5.78 9.81
N GLY B 80 3.65 4.69 9.07
CA GLY B 80 4.17 3.43 9.56
C GLY B 80 3.88 2.31 8.57
N GLY B 81 3.90 1.08 9.07
CA GLY B 81 3.66 -0.08 8.22
C GLY B 81 2.21 -0.24 7.82
N ARG B 82 1.92 -1.34 7.14
CA ARG B 82 0.58 -1.62 6.65
C ARG B 82 -0.41 -1.84 7.78
N TRP B 83 0.10 -2.25 8.94
CA TRP B 83 -0.74 -2.54 10.11
C TRP B 83 -1.34 -1.26 10.70
N HIS B 84 -0.61 -0.17 10.60
CA HIS B 84 -1.12 1.13 11.05
C HIS B 84 -1.70 1.91 9.88
N PRO B 85 -2.92 2.42 10.03
CA PRO B 85 -3.53 3.24 8.97
C PRO B 85 -2.85 4.59 8.82
N TYR B 86 -2.52 4.96 7.59
CA TYR B 86 -1.88 6.25 7.33
C TYR B 86 -2.91 7.38 7.37
N GLY B 87 -2.67 8.35 8.23
CA GLY B 87 -3.59 9.47 8.39
C GLY B 87 -3.05 10.54 9.31
N TYR B 88 -3.84 11.60 9.51
CA TYR B 88 -3.42 12.71 10.33
C TYR B 88 -4.22 12.84 11.61
N TYR B 89 -3.58 13.31 12.67
CA TYR B 89 -4.30 13.68 13.89
C TYR B 89 -5.16 14.89 13.58
N SER B 90 -6.07 15.24 14.50
CA SER B 90 -6.91 16.42 14.33
C SER B 90 -6.04 17.66 14.17
N PRO B 91 -6.24 18.40 13.07
CA PRO B 91 -5.40 19.56 12.72
C PRO B 91 -5.61 20.76 13.63
N ILE B 92 -4.82 21.80 13.42
CA ILE B 92 -4.95 23.04 14.16
C ILE B 92 -4.94 24.22 13.20
N SER B 93 -5.84 25.17 13.39
CA SER B 93 -5.99 26.27 12.46
C SER B 93 -5.98 27.63 13.14
N ILE B 94 -5.35 28.60 12.50
CA ILE B 94 -5.35 29.98 12.97
C ILE B 94 -5.65 30.94 11.83
N ASN B 95 -6.15 32.12 12.17
CA ASN B 95 -6.40 33.16 11.17
C ASN B 95 -5.41 34.29 11.33
N TYR B 96 -5.00 34.87 10.19
CA TYR B 96 -4.09 36.01 10.23
C TYR B 96 -4.33 36.96 9.06
N ARG B 97 -4.28 38.25 9.35
CA ARG B 97 -4.45 39.27 8.33
C ARG B 97 -3.10 39.90 7.96
N THR B 98 -2.72 39.75 6.69
CA THR B 98 -1.47 40.32 6.21
C THR B 98 -1.59 41.83 6.04
#